data_1K6D
#
_entry.id   1K6D
#
_cell.length_a   88.496
_cell.length_b   88.496
_cell.length_c   105.080
_cell.angle_alpha   90.00
_cell.angle_beta   90.00
_cell.angle_gamma   120.00
#
_symmetry.space_group_name_H-M   'P 62'
#
loop_
_entity.id
_entity.type
_entity.pdbx_description
1 polymer 'ACETATE COA-TRANSFERASE ALPHA SUBUNIT'
2 non-polymer 'MAGNESIUM ION'
3 water water
#
_entity_poly.entity_id   1
_entity_poly.type   'polypeptide(L)'
_entity_poly.pdbx_seq_one_letter_code
;MKTKLMTLQDATGFFRDGMTIMVGGFMGIGTPSRLVEALLESGVRDLTLIANDTAFVDTGIGPLIVNGRVRKVIASHIGT
NPETGRRMISGEMDVVLVPQGTLIEQIRCGGAGLGGFLTPTGVGTVVEEGKQTLTLDGKTWLLERPLRADLALIRAHRCD
TLGNLTYQLSARNFNPLIALAADITLVEPDELVETGELQPDHIVTPGAVIDHIIVSQESK
;
_entity_poly.pdbx_strand_id   A,B
#
loop_
_chem_comp.id
_chem_comp.type
_chem_comp.name
_chem_comp.formula
MG non-polymer 'MAGNESIUM ION' 'Mg 2'
#
# COMPACT_ATOMS: atom_id res chain seq x y z
N MET A 1 28.16 7.13 -14.84
CA MET A 1 28.46 6.10 -13.80
C MET A 1 27.27 5.93 -12.85
N LYS A 2 27.30 6.67 -11.73
CA LYS A 2 26.24 6.62 -10.72
C LYS A 2 25.73 5.21 -10.45
N THR A 3 26.52 4.42 -9.73
CA THR A 3 26.12 3.06 -9.39
C THR A 3 25.41 3.11 -8.05
N LYS A 4 24.63 2.08 -7.75
CA LYS A 4 23.95 1.99 -6.47
C LYS A 4 24.81 1.15 -5.55
N LEU A 5 25.85 0.54 -6.13
CA LEU A 5 26.78 -0.32 -5.41
C LEU A 5 27.65 0.43 -4.42
N MET A 6 27.80 -0.11 -3.21
CA MET A 6 28.65 0.52 -2.22
C MET A 6 28.95 -0.43 -1.08
N THR A 7 29.89 -0.04 -0.22
CA THR A 7 30.31 -0.87 0.90
C THR A 7 29.79 -0.30 2.23
N LEU A 8 29.94 -1.09 3.30
CA LEU A 8 29.51 -0.64 4.62
C LEU A 8 30.37 0.54 5.01
N GLN A 9 31.61 0.57 4.51
CA GLN A 9 32.48 1.69 4.82
C GLN A 9 31.93 2.98 4.21
N ASP A 10 31.38 2.89 3.00
CA ASP A 10 30.80 4.06 2.35
C ASP A 10 29.55 4.52 3.08
N ALA A 11 28.84 3.57 3.71
CA ALA A 11 27.61 3.90 4.41
C ALA A 11 27.84 5.02 5.40
N THR A 12 29.01 4.98 6.05
CA THR A 12 29.36 6.00 7.03
C THR A 12 29.16 7.41 6.51
N GLY A 13 29.48 7.62 5.24
CA GLY A 13 29.34 8.95 4.66
C GLY A 13 27.94 9.52 4.64
N PHE A 14 26.93 8.67 4.80
CA PHE A 14 25.55 9.14 4.76
C PHE A 14 25.02 9.55 6.12
N PHE A 15 25.82 9.36 7.15
CA PHE A 15 25.35 9.70 8.48
C PHE A 15 25.79 11.07 8.97
N ARG A 16 24.88 11.81 9.60
CA ARG A 16 25.20 13.12 10.14
C ARG A 16 24.39 13.39 11.40
N ASP A 17 24.97 14.16 12.31
CA ASP A 17 24.29 14.49 13.55
C ASP A 17 22.92 15.07 13.25
N GLY A 18 21.99 14.83 14.16
CA GLY A 18 20.65 15.37 14.04
C GLY A 18 19.71 14.90 12.95
N MET A 19 20.14 13.98 12.10
CA MET A 19 19.23 13.52 11.05
C MET A 19 18.15 12.57 11.57
N THR A 20 17.08 12.44 10.80
CA THR A 20 15.97 11.55 11.13
C THR A 20 16.15 10.29 10.29
N ILE A 21 16.16 9.13 10.94
CA ILE A 21 16.38 7.86 10.24
C ILE A 21 15.33 6.81 10.54
N MET A 22 14.79 6.20 9.49
CA MET A 22 13.82 5.13 9.67
C MET A 22 14.59 3.80 9.60
N VAL A 23 14.25 2.85 10.48
CA VAL A 23 14.96 1.57 10.47
C VAL A 23 14.00 0.40 10.47
N GLY A 24 14.26 -0.59 9.61
CA GLY A 24 13.38 -1.73 9.53
C GLY A 24 13.54 -2.66 10.71
N GLY A 25 12.61 -3.60 10.85
CA GLY A 25 12.69 -4.55 11.93
C GLY A 25 11.57 -4.57 12.95
N PHE A 26 11.07 -5.77 13.23
CA PHE A 26 10.01 -5.97 14.21
C PHE A 26 10.64 -6.76 15.35
N MET A 27 10.78 -6.10 16.50
CA MET A 27 11.41 -6.72 17.67
C MET A 27 12.77 -7.27 17.25
N GLY A 28 13.49 -6.50 16.44
CA GLY A 28 14.82 -6.91 15.99
C GLY A 28 14.82 -7.84 14.79
N ILE A 29 13.66 -8.38 14.45
CA ILE A 29 13.52 -9.30 13.33
C ILE A 29 13.44 -8.51 12.01
N GLY A 30 14.40 -8.70 11.12
CA GLY A 30 14.33 -7.95 9.87
C GLY A 30 15.03 -6.60 9.99
N THR A 31 15.85 -6.46 11.03
CA THR A 31 16.60 -5.21 11.22
C THR A 31 17.90 -5.32 10.41
N PRO A 32 18.28 -4.25 9.70
CA PRO A 32 19.53 -4.28 8.91
C PRO A 32 20.62 -4.04 9.97
N SER A 33 20.95 -5.10 10.69
CA SER A 33 21.92 -5.00 11.77
C SER A 33 23.29 -4.47 11.39
N ARG A 34 23.74 -4.73 10.17
CA ARG A 34 25.06 -4.23 9.77
C ARG A 34 25.01 -2.71 9.57
N LEU A 35 23.93 -2.20 8.97
CA LEU A 35 23.82 -0.75 8.77
C LEU A 35 23.70 -0.08 10.15
N VAL A 36 22.94 -0.69 11.05
CA VAL A 36 22.79 -0.12 12.38
C VAL A 36 24.15 -0.05 13.06
N GLU A 37 24.99 -1.06 12.85
CA GLU A 37 26.31 -1.08 13.45
C GLU A 37 27.16 0.06 12.86
N ALA A 38 27.09 0.20 11.54
CA ALA A 38 27.84 1.25 10.89
C ALA A 38 27.38 2.61 11.42
N LEU A 39 26.07 2.77 11.63
CA LEU A 39 25.57 4.04 12.15
C LEU A 39 26.19 4.29 13.54
N LEU A 40 26.25 3.24 14.36
CA LEU A 40 26.81 3.38 15.70
C LEU A 40 28.29 3.76 15.64
N GLU A 41 29.06 3.06 14.81
CA GLU A 41 30.48 3.34 14.68
C GLU A 41 30.75 4.75 14.12
N SER A 42 29.83 5.29 13.33
CA SER A 42 30.02 6.61 12.76
C SER A 42 30.12 7.67 13.86
N GLY A 43 29.52 7.37 15.01
CA GLY A 43 29.56 8.28 16.13
C GLY A 43 28.55 9.42 16.09
N VAL A 44 27.73 9.50 15.04
CA VAL A 44 26.77 10.61 14.97
C VAL A 44 25.76 10.56 16.11
N ARG A 45 25.26 11.74 16.49
CA ARG A 45 24.30 11.87 17.59
C ARG A 45 23.11 12.76 17.29
N ASP A 46 22.27 12.97 18.32
CA ASP A 46 21.06 13.78 18.22
C ASP A 46 20.17 13.29 17.11
N LEU A 47 20.13 11.98 16.97
CA LEU A 47 19.32 11.36 15.94
C LEU A 47 17.86 11.26 16.35
N THR A 48 16.99 11.21 15.36
CA THR A 48 15.59 10.96 15.61
C THR A 48 15.40 9.63 14.88
N LEU A 49 15.02 8.59 15.61
CA LEU A 49 14.81 7.29 14.97
C LEU A 49 13.35 6.94 14.93
N ILE A 50 12.93 6.40 13.79
CA ILE A 50 11.54 5.98 13.60
C ILE A 50 11.59 4.50 13.31
N ALA A 51 10.89 3.72 14.13
CA ALA A 51 10.90 2.27 13.95
C ALA A 51 9.67 1.68 14.61
N ASN A 52 9.38 0.41 14.33
CA ASN A 52 8.22 -0.21 14.95
C ASN A 52 8.33 -0.23 16.48
N ASP A 53 9.53 -0.51 16.97
CA ASP A 53 9.79 -0.63 18.40
C ASP A 53 11.27 -0.36 18.64
N THR A 54 11.70 -0.40 19.90
CA THR A 54 13.11 -0.21 20.22
C THR A 54 13.73 -1.57 20.57
N ALA A 55 13.05 -2.64 20.15
CA ALA A 55 13.51 -4.02 20.37
C ALA A 55 14.03 -4.25 21.79
N PHE A 56 15.24 -4.82 21.89
CA PHE A 56 15.89 -5.07 23.18
C PHE A 56 17.14 -4.20 23.26
N VAL A 57 17.75 -4.09 24.43
CA VAL A 57 18.91 -3.22 24.55
C VAL A 57 20.02 -3.57 23.58
N ASP A 58 20.12 -4.84 23.21
CA ASP A 58 21.16 -5.32 22.30
C ASP A 58 20.73 -5.58 20.85
N THR A 59 19.45 -5.40 20.53
CA THR A 59 19.00 -5.67 19.16
C THR A 59 18.24 -4.50 18.55
N GLY A 60 17.86 -4.63 17.28
CA GLY A 60 17.15 -3.52 16.62
C GLY A 60 17.95 -2.25 16.77
N ILE A 61 17.27 -1.14 17.11
CA ILE A 61 17.98 0.12 17.29
C ILE A 61 18.39 0.31 18.76
N GLY A 62 18.24 -0.76 19.54
CA GLY A 62 18.58 -0.73 20.95
C GLY A 62 19.96 -0.18 21.23
N PRO A 63 20.98 -0.67 20.53
CA PRO A 63 22.35 -0.17 20.77
C PRO A 63 22.54 1.34 20.58
N LEU A 64 21.86 1.92 19.59
CA LEU A 64 21.99 3.36 19.36
C LEU A 64 21.45 4.14 20.55
N ILE A 65 20.33 3.68 21.09
CA ILE A 65 19.70 4.34 22.24
C ILE A 65 20.61 4.21 23.48
N VAL A 66 21.00 2.98 23.81
CA VAL A 66 21.88 2.74 24.95
C VAL A 66 23.18 3.55 24.91
N ASN A 67 23.71 3.77 23.72
CA ASN A 67 24.95 4.53 23.60
C ASN A 67 24.76 6.03 23.47
N GLY A 68 23.57 6.52 23.82
CA GLY A 68 23.29 7.95 23.79
C GLY A 68 23.32 8.67 22.44
N ARG A 69 23.09 7.93 21.36
CA ARG A 69 23.13 8.54 20.03
C ARG A 69 21.77 9.09 19.57
N VAL A 70 20.74 8.83 20.37
CA VAL A 70 19.39 9.23 19.98
C VAL A 70 18.75 10.28 20.89
N ARG A 71 18.19 11.30 20.25
CA ARG A 71 17.52 12.40 20.93
C ARG A 71 16.03 12.16 21.00
N LYS A 72 15.49 11.52 19.96
CA LYS A 72 14.06 11.26 19.89
C LYS A 72 13.69 9.95 19.21
N VAL A 73 12.76 9.22 19.82
CA VAL A 73 12.28 7.97 19.25
C VAL A 73 10.80 8.08 18.95
N ILE A 74 10.40 7.64 17.76
CA ILE A 74 9.00 7.60 17.39
C ILE A 74 8.80 6.11 17.11
N ALA A 75 7.97 5.44 17.91
CA ALA A 75 7.76 4.01 17.73
C ALA A 75 6.41 3.59 18.29
N SER A 76 6.07 2.32 18.13
CA SER A 76 4.78 1.85 18.62
C SER A 76 4.86 1.06 19.92
N HIS A 77 6.07 0.68 20.34
CA HIS A 77 6.23 -0.11 21.55
C HIS A 77 7.66 -0.01 22.04
N ILE A 78 7.85 0.16 23.35
CA ILE A 78 9.18 0.29 23.91
C ILE A 78 9.33 -0.53 25.17
N GLY A 79 8.30 -1.31 25.48
CA GLY A 79 8.28 -2.11 26.69
C GLY A 79 9.42 -3.09 26.93
N THR A 80 9.97 -3.67 25.87
CA THR A 80 11.03 -4.66 26.03
C THR A 80 12.46 -4.10 26.12
N ASN A 81 12.59 -2.78 26.08
CA ASN A 81 13.90 -2.12 26.17
C ASN A 81 13.82 -1.12 27.32
N PRO A 82 14.22 -1.55 28.54
CA PRO A 82 14.19 -0.68 29.72
C PRO A 82 15.03 0.59 29.59
N GLU A 83 16.00 0.57 28.69
CA GLU A 83 16.83 1.75 28.51
C GLU A 83 16.04 2.88 27.83
N THR A 84 15.10 2.52 26.97
CA THR A 84 14.30 3.52 26.28
C THR A 84 13.44 4.21 27.33
N GLY A 85 12.80 3.40 28.17
CA GLY A 85 11.96 3.98 29.22
C GLY A 85 12.76 4.83 30.18
N ARG A 86 13.92 4.33 30.58
CA ARG A 86 14.76 5.06 31.52
C ARG A 86 15.15 6.45 31.04
N ARG A 87 15.55 6.55 29.77
CA ARG A 87 15.97 7.83 29.21
C ARG A 87 14.76 8.73 29.02
N MET A 88 13.61 8.10 28.83
CA MET A 88 12.37 8.85 28.66
C MET A 88 12.04 9.52 29.99
N ILE A 89 12.06 8.73 31.07
CA ILE A 89 11.74 9.26 32.40
C ILE A 89 12.79 10.20 32.98
N SER A 90 14.04 10.04 32.56
CA SER A 90 15.12 10.89 33.05
C SER A 90 15.20 12.20 32.27
N GLY A 91 14.34 12.35 31.27
CA GLY A 91 14.37 13.56 30.47
C GLY A 91 15.53 13.61 29.48
N GLU A 92 16.29 12.53 29.36
CA GLU A 92 17.43 12.53 28.44
C GLU A 92 17.02 12.27 26.99
N MET A 93 15.83 11.72 26.77
CA MET A 93 15.38 11.41 25.43
C MET A 93 13.89 11.59 25.30
N ASP A 94 13.46 12.13 24.15
CA ASP A 94 12.04 12.32 23.90
C ASP A 94 11.53 11.05 23.24
N VAL A 95 10.38 10.56 23.67
CA VAL A 95 9.80 9.36 23.09
C VAL A 95 8.36 9.65 22.71
N VAL A 96 7.99 9.39 21.47
CA VAL A 96 6.62 9.60 21.01
C VAL A 96 6.09 8.21 20.65
N LEU A 97 5.17 7.72 21.48
CA LEU A 97 4.59 6.40 21.31
C LEU A 97 3.33 6.51 20.46
N VAL A 98 3.33 5.79 19.36
CA VAL A 98 2.23 5.80 18.40
C VAL A 98 1.64 4.39 18.21
N PRO A 99 0.30 4.25 18.24
CA PRO A 99 -0.32 2.93 18.05
C PRO A 99 0.20 2.37 16.72
N GLN A 100 0.55 1.08 16.70
CA GLN A 100 1.12 0.50 15.50
C GLN A 100 0.38 0.74 14.17
N GLY A 101 -0.92 0.47 14.13
CA GLY A 101 -1.71 0.68 12.92
C GLY A 101 -1.58 2.10 12.42
N THR A 102 -1.65 3.06 13.34
CA THR A 102 -1.53 4.45 12.97
C THR A 102 -0.11 4.81 12.49
N LEU A 103 0.91 4.28 13.17
CA LEU A 103 2.28 4.55 12.79
C LEU A 103 2.53 4.04 11.37
N ILE A 104 2.01 2.85 11.07
CA ILE A 104 2.16 2.27 9.73
C ILE A 104 1.52 3.21 8.69
N GLU A 105 0.30 3.68 8.96
CA GLU A 105 -0.38 4.60 8.03
C GLU A 105 0.34 5.94 7.88
N GLN A 106 0.94 6.45 8.96
CA GLN A 106 1.66 7.71 8.87
C GLN A 106 2.85 7.57 7.94
N ILE A 107 3.58 6.48 8.09
CA ILE A 107 4.75 6.26 7.23
C ILE A 107 4.31 6.04 5.78
N ARG A 108 3.21 5.29 5.60
CA ARG A 108 2.69 5.04 4.26
C ARG A 108 2.27 6.37 3.63
N CYS A 109 1.63 7.21 4.44
CA CYS A 109 1.16 8.53 4.00
C CYS A 109 2.37 9.36 3.54
N GLY A 110 3.45 9.31 4.32
CA GLY A 110 4.64 10.07 3.95
C GLY A 110 5.28 9.60 2.64
N GLY A 111 5.26 8.29 2.42
CA GLY A 111 5.83 7.73 1.22
C GLY A 111 4.95 7.98 0.00
N ALA A 112 3.66 8.23 0.23
CA ALA A 112 2.72 8.48 -0.85
C ALA A 112 2.66 9.97 -1.19
N GLY A 113 3.37 10.78 -0.43
CA GLY A 113 3.39 12.21 -0.68
C GLY A 113 2.09 12.91 -0.32
N LEU A 114 1.34 12.32 0.61
CA LEU A 114 0.06 12.89 1.04
C LEU A 114 0.24 13.80 2.25
N GLY A 115 -0.81 14.56 2.58
CA GLY A 115 -0.73 15.50 3.70
C GLY A 115 -1.30 15.05 5.03
N GLY A 116 -1.89 13.86 5.08
CA GLY A 116 -2.46 13.35 6.31
C GLY A 116 -3.63 12.42 6.01
N PHE A 117 -4.15 11.77 7.04
CA PHE A 117 -5.28 10.88 6.88
C PHE A 117 -6.18 10.92 8.08
N LEU A 118 -7.40 10.42 7.88
CA LEU A 118 -8.41 10.41 8.92
C LEU A 118 -8.56 9.03 9.49
N THR A 119 -8.39 8.93 10.80
CA THR A 119 -8.53 7.65 11.45
C THR A 119 -9.59 7.75 12.53
N PRO A 120 -10.34 6.66 12.75
CA PRO A 120 -11.35 6.74 13.80
C PRO A 120 -10.57 6.42 15.07
N THR A 121 -9.44 5.74 14.86
CA THR A 121 -8.51 5.28 15.89
C THR A 121 -7.91 6.36 16.78
N GLY A 122 -8.01 6.14 18.08
CA GLY A 122 -7.45 7.08 19.05
C GLY A 122 -8.43 8.13 19.54
N VAL A 123 -9.62 8.17 18.95
CA VAL A 123 -10.63 9.14 19.34
C VAL A 123 -10.92 9.00 20.84
N GLY A 124 -11.21 10.12 21.50
CA GLY A 124 -11.50 10.08 22.93
C GLY A 124 -10.33 9.56 23.74
N THR A 125 -9.16 9.44 23.11
CA THR A 125 -7.97 8.96 23.80
C THR A 125 -6.94 10.07 23.93
N VAL A 126 -5.84 9.78 24.63
CA VAL A 126 -4.78 10.76 24.84
C VAL A 126 -4.12 11.12 23.50
N GLU A 129 -5.93 14.85 21.25
CA GLU A 129 -5.00 15.43 22.21
C GLU A 129 -3.75 15.95 21.50
N GLY A 130 -3.74 17.25 21.21
CA GLY A 130 -2.60 17.84 20.53
C GLY A 130 -2.81 17.77 19.03
N LYS A 131 -3.69 16.86 18.63
CA LYS A 131 -4.04 16.66 17.22
C LYS A 131 -5.41 17.28 17.01
N GLN A 132 -5.80 17.50 15.76
CA GLN A 132 -7.11 18.08 15.51
C GLN A 132 -8.07 17.03 14.99
N THR A 133 -9.36 17.30 15.17
CA THR A 133 -10.40 16.38 14.73
C THR A 133 -11.15 17.00 13.57
N LEU A 134 -11.75 16.12 12.76
CA LEU A 134 -12.52 16.55 11.61
C LEU A 134 -13.84 15.82 11.74
N THR A 135 -14.93 16.50 11.43
CA THR A 135 -16.23 15.87 11.49
C THR A 135 -16.62 15.77 10.04
N LEU A 136 -16.78 14.55 9.57
CA LEU A 136 -17.12 14.31 8.18
C LEU A 136 -18.34 13.41 8.19
N ASP A 137 -19.35 13.80 7.44
CA ASP A 137 -20.59 13.04 7.35
C ASP A 137 -21.15 12.87 8.76
N GLY A 138 -21.33 11.64 9.20
CA GLY A 138 -21.88 11.44 10.53
C GLY A 138 -20.85 11.17 11.62
N LYS A 139 -19.58 11.05 11.25
CA LYS A 139 -18.57 10.74 12.24
C LYS A 139 -17.46 11.75 12.41
N THR A 140 -16.78 11.61 13.54
CA THR A 140 -15.65 12.46 13.88
C THR A 140 -14.41 11.61 13.61
N TRP A 141 -13.36 12.26 13.13
CA TRP A 141 -12.12 11.56 12.84
C TRP A 141 -10.94 12.33 13.38
N LEU A 142 -9.89 11.58 13.72
CA LEU A 142 -8.66 12.17 14.19
C LEU A 142 -7.79 12.36 12.94
N LEU A 143 -7.21 13.55 12.77
CA LEU A 143 -6.35 13.82 11.63
C LEU A 143 -4.91 13.51 12.01
N GLU A 144 -4.30 12.55 11.33
CA GLU A 144 -2.90 12.16 11.59
C GLU A 144 -2.07 12.67 10.43
N ARG A 145 -0.83 13.08 10.73
CA ARG A 145 0.05 13.62 9.71
C ARG A 145 1.07 12.61 9.19
N PRO A 146 1.59 12.86 7.98
CA PRO A 146 2.58 11.93 7.43
C PRO A 146 3.91 12.00 8.16
N LEU A 147 4.67 10.92 8.06
CA LEU A 147 6.01 10.85 8.64
C LEU A 147 6.96 10.48 7.51
N ARG A 148 8.05 11.23 7.40
CA ARG A 148 9.10 10.95 6.41
C ARG A 148 10.44 11.02 7.15
N ALA A 149 11.53 10.62 6.51
CA ALA A 149 12.83 10.67 7.16
C ALA A 149 13.90 11.09 6.16
N ASP A 150 15.07 11.48 6.66
CA ASP A 150 16.16 11.86 5.77
C ASP A 150 16.72 10.59 5.16
N LEU A 151 16.71 9.52 5.94
CA LEU A 151 17.33 8.25 5.54
C LEU A 151 16.56 7.02 6.03
N ALA A 152 16.61 5.93 5.26
CA ALA A 152 15.97 4.66 5.67
C ALA A 152 17.02 3.56 5.56
N LEU A 153 17.06 2.71 6.60
CA LEU A 153 18.00 1.58 6.63
C LEU A 153 17.08 0.37 6.50
N ILE A 154 17.26 -0.33 5.39
CA ILE A 154 16.42 -1.45 5.00
C ILE A 154 17.12 -2.80 4.91
N ARG A 155 16.48 -3.83 5.46
CA ARG A 155 17.02 -5.16 5.30
C ARG A 155 16.11 -5.83 4.27
N ALA A 156 16.69 -6.54 3.31
CA ALA A 156 15.88 -7.26 2.31
C ALA A 156 16.38 -8.68 2.22
N HIS A 157 15.57 -9.58 1.68
CA HIS A 157 16.01 -10.96 1.54
C HIS A 157 16.85 -11.04 0.28
N ARG A 158 16.24 -10.79 -0.86
CA ARG A 158 16.97 -10.79 -2.12
C ARG A 158 16.89 -9.38 -2.73
N CYS A 159 17.95 -9.01 -3.43
CA CYS A 159 18.06 -7.69 -4.03
C CYS A 159 18.82 -7.84 -5.33
N ASP A 160 18.38 -7.19 -6.40
CA ASP A 160 19.17 -7.26 -7.61
C ASP A 160 20.01 -5.99 -7.68
N THR A 161 20.88 -5.87 -8.68
CA THR A 161 21.78 -4.73 -8.78
C THR A 161 21.11 -3.39 -9.05
N LEU A 162 19.82 -3.42 -9.38
CA LEU A 162 19.06 -2.21 -9.62
C LEU A 162 18.28 -1.82 -8.36
N GLY A 163 18.33 -2.69 -7.35
CA GLY A 163 17.64 -2.40 -6.11
C GLY A 163 16.22 -2.94 -5.97
N ASN A 164 15.77 -3.83 -6.85
CA ASN A 164 14.44 -4.42 -6.73
C ASN A 164 14.59 -5.36 -5.55
N LEU A 165 13.64 -5.33 -4.61
CA LEU A 165 13.74 -6.15 -3.41
C LEU A 165 12.59 -7.13 -3.12
N THR A 166 12.93 -8.25 -2.49
CA THR A 166 11.94 -9.22 -2.04
C THR A 166 12.25 -9.44 -0.56
N TYR A 167 11.31 -10.01 0.18
CA TYR A 167 11.49 -10.22 1.61
C TYR A 167 11.00 -11.59 2.06
N GLN A 168 11.38 -11.98 3.26
CA GLN A 168 10.91 -13.22 3.84
C GLN A 168 9.81 -12.70 4.75
N LEU A 169 8.75 -13.48 4.90
CA LEU A 169 7.60 -13.05 5.68
C LEU A 169 7.83 -12.36 7.00
N SER A 170 8.38 -13.06 7.98
CA SER A 170 8.59 -12.46 9.29
C SER A 170 9.47 -11.21 9.29
N ALA A 171 10.56 -11.25 8.53
CA ALA A 171 11.51 -10.14 8.46
C ALA A 171 11.10 -8.93 7.62
N ARG A 172 9.97 -9.06 6.93
CA ARG A 172 9.49 -7.99 6.06
C ARG A 172 9.08 -6.73 6.83
N ASN A 173 8.00 -6.85 7.60
CA ASN A 173 7.48 -5.74 8.41
C ASN A 173 7.66 -4.32 7.85
N PHE A 174 8.32 -3.44 8.59
CA PHE A 174 8.51 -2.04 8.16
C PHE A 174 9.42 -1.76 6.97
N ASN A 175 10.24 -2.74 6.61
CA ASN A 175 11.19 -2.52 5.51
C ASN A 175 10.60 -1.95 4.20
N PRO A 176 9.59 -2.60 3.60
CA PRO A 176 9.07 -2.00 2.35
C PRO A 176 8.37 -0.65 2.57
N LEU A 177 7.83 -0.45 3.77
CA LEU A 177 7.15 0.82 4.09
C LEU A 177 8.09 1.99 4.11
N ILE A 178 9.18 1.86 4.87
CA ILE A 178 10.11 2.96 4.98
C ILE A 178 10.90 3.24 3.71
N ALA A 179 10.96 2.27 2.81
CA ALA A 179 11.72 2.43 1.57
C ALA A 179 11.13 3.55 0.73
N LEU A 180 9.84 3.82 0.92
CA LEU A 180 9.16 4.84 0.15
C LEU A 180 9.09 6.19 0.86
N ALA A 181 9.34 6.18 2.17
CA ALA A 181 9.21 7.40 2.96
C ALA A 181 10.45 8.16 3.38
N ALA A 182 11.62 7.79 2.85
CA ALA A 182 12.86 8.46 3.20
C ALA A 182 13.47 9.10 1.96
N ASP A 183 14.18 10.20 2.15
CA ASP A 183 14.81 10.89 1.02
C ASP A 183 15.92 10.05 0.39
N ILE A 184 16.66 9.30 1.22
CA ILE A 184 17.73 8.42 0.73
C ILE A 184 17.52 7.06 1.37
N THR A 185 17.69 6.00 0.60
CA THR A 185 17.46 4.65 1.09
C THR A 185 18.70 3.78 0.90
N LEU A 186 19.08 3.07 1.96
CA LEU A 186 20.26 2.18 1.97
C LEU A 186 19.77 0.77 2.26
N VAL A 187 20.16 -0.18 1.41
CA VAL A 187 19.73 -1.57 1.57
C VAL A 187 20.85 -2.54 1.94
N GLU A 188 20.54 -3.44 2.87
CA GLU A 188 21.45 -4.48 3.36
C GLU A 188 20.74 -5.77 2.96
N PRO A 189 21.12 -6.37 1.82
CA PRO A 189 20.46 -7.60 1.38
C PRO A 189 21.08 -8.90 1.83
N ASP A 190 20.26 -9.90 2.08
CA ASP A 190 20.80 -11.19 2.48
C ASP A 190 21.53 -11.76 1.25
N GLU A 191 20.92 -11.56 0.07
CA GLU A 191 21.51 -12.06 -1.17
C GLU A 191 21.43 -10.99 -2.25
N LEU A 192 22.56 -10.72 -2.93
CA LEU A 192 22.59 -9.73 -4.01
C LEU A 192 22.79 -10.50 -5.32
N VAL A 193 21.91 -10.25 -6.29
CA VAL A 193 21.96 -10.95 -7.57
C VAL A 193 21.91 -10.01 -8.77
N GLU A 194 22.23 -10.53 -9.95
CA GLU A 194 22.18 -9.71 -11.15
C GLU A 194 20.73 -9.39 -11.49
N THR A 195 20.50 -8.25 -12.12
CA THR A 195 19.16 -7.85 -12.53
C THR A 195 18.72 -8.88 -13.55
N GLY A 196 17.47 -9.30 -13.46
CA GLY A 196 16.94 -10.29 -14.37
C GLY A 196 16.81 -11.60 -13.62
N GLU A 197 17.52 -11.71 -12.51
CA GLU A 197 17.49 -12.95 -11.73
C GLU A 197 16.30 -13.09 -10.77
N LEU A 198 15.65 -11.97 -10.42
CA LEU A 198 14.50 -12.04 -9.53
C LEU A 198 13.24 -12.25 -10.35
N GLN A 199 12.26 -13.00 -9.83
CA GLN A 199 11.00 -13.17 -10.56
C GLN A 199 10.26 -11.84 -10.37
N PRO A 200 10.02 -11.12 -11.48
CA PRO A 200 9.34 -9.83 -11.46
C PRO A 200 8.01 -9.82 -10.70
N ASP A 201 7.24 -10.90 -10.82
CA ASP A 201 5.94 -10.99 -10.15
C ASP A 201 6.03 -11.01 -8.64
N HIS A 202 7.22 -11.22 -8.10
CA HIS A 202 7.38 -11.27 -6.66
C HIS A 202 8.18 -10.12 -6.06
N ILE A 203 8.59 -9.17 -6.89
CA ILE A 203 9.31 -8.01 -6.39
C ILE A 203 8.32 -7.19 -5.55
N VAL A 204 8.76 -6.78 -4.37
CA VAL A 204 7.91 -6.00 -3.47
C VAL A 204 8.27 -4.51 -3.53
N THR A 205 9.56 -4.23 -3.46
CA THR A 205 10.05 -2.86 -3.52
C THR A 205 10.81 -2.58 -4.82
N PRO A 206 10.32 -1.63 -5.62
CA PRO A 206 10.95 -1.25 -6.90
C PRO A 206 12.31 -0.59 -6.74
N GLY A 207 13.26 -0.97 -7.59
CA GLY A 207 14.60 -0.41 -7.52
C GLY A 207 14.59 1.10 -7.64
N ALA A 208 13.58 1.64 -8.31
CA ALA A 208 13.47 3.09 -8.50
C ALA A 208 13.55 3.86 -7.17
N VAL A 209 13.09 3.25 -6.07
CA VAL A 209 13.14 3.95 -4.77
C VAL A 209 14.37 3.62 -3.93
N ILE A 210 15.20 2.71 -4.41
CA ILE A 210 16.42 2.31 -3.71
C ILE A 210 17.64 3.04 -4.25
N ASP A 211 18.34 3.76 -3.37
CA ASP A 211 19.51 4.54 -3.77
C ASP A 211 20.85 3.81 -3.66
N HIS A 212 21.07 3.10 -2.56
CA HIS A 212 22.33 2.37 -2.38
C HIS A 212 22.16 0.96 -1.84
N ILE A 213 23.06 0.07 -2.26
CA ILE A 213 23.02 -1.34 -1.88
C ILE A 213 24.39 -1.79 -1.35
N ILE A 214 24.40 -2.37 -0.17
CA ILE A 214 25.64 -2.90 0.44
C ILE A 214 25.99 -4.17 -0.32
N VAL A 215 27.21 -4.21 -0.88
CA VAL A 215 27.60 -5.37 -1.69
C VAL A 215 28.34 -6.49 -0.97
N SER A 216 28.82 -6.23 0.23
CA SER A 216 29.54 -7.26 0.99
C SER A 216 28.59 -8.18 1.75
N GLN A 217 29.11 -9.36 2.12
CA GLN A 217 28.36 -10.34 2.90
C GLN A 217 29.01 -10.37 4.28
N GLU A 218 28.24 -10.67 5.32
CA GLU A 218 28.83 -10.69 6.65
C GLU A 218 29.85 -11.84 6.81
N SER A 219 29.92 -12.73 5.82
CA SER A 219 30.87 -13.84 5.83
C SER A 219 30.60 -14.96 6.85
N MET B 1 -21.83 -22.91 3.17
CA MET B 1 -20.88 -21.88 3.66
C MET B 1 -19.57 -22.53 4.07
N LYS B 2 -19.41 -23.79 3.68
CA LYS B 2 -18.19 -24.53 3.99
C LYS B 2 -17.33 -24.56 2.74
N THR B 3 -17.61 -23.65 1.80
CA THR B 3 -16.85 -23.62 0.56
C THR B 3 -16.91 -22.31 -0.23
N LYS B 4 -15.75 -21.93 -0.77
CA LYS B 4 -15.61 -20.72 -1.57
C LYS B 4 -15.65 -21.13 -3.04
N LEU B 5 -15.62 -22.42 -3.30
CA LEU B 5 -15.63 -22.91 -4.66
C LEU B 5 -16.98 -22.70 -5.36
N MET B 6 -16.95 -22.17 -6.58
CA MET B 6 -18.20 -21.99 -7.32
C MET B 6 -17.95 -21.95 -8.82
N THR B 7 -19.03 -21.95 -9.59
CA THR B 7 -18.91 -21.92 -11.03
C THR B 7 -19.32 -20.54 -11.52
N LEU B 8 -19.05 -20.25 -12.79
CA LEU B 8 -19.43 -18.97 -13.36
C LEU B 8 -20.93 -18.80 -13.32
N GLN B 9 -21.65 -19.92 -13.46
CA GLN B 9 -23.10 -19.85 -13.42
C GLN B 9 -23.55 -19.36 -12.06
N ASP B 10 -22.83 -19.74 -11.01
CA ASP B 10 -23.17 -19.29 -9.67
C ASP B 10 -22.94 -17.78 -9.51
N ALA B 11 -21.98 -17.24 -10.27
CA ALA B 11 -21.67 -15.82 -10.19
C ALA B 11 -22.89 -14.94 -10.46
N THR B 12 -23.74 -15.37 -11.39
CA THR B 12 -24.94 -14.61 -11.75
C THR B 12 -25.78 -14.23 -10.55
N GLY B 13 -25.80 -15.07 -9.52
CA GLY B 13 -26.60 -14.79 -8.35
C GLY B 13 -26.14 -13.65 -7.47
N PHE B 14 -25.03 -13.01 -7.84
CA PHE B 14 -24.52 -11.90 -7.06
C PHE B 14 -24.78 -10.57 -7.77
N PHE B 15 -25.21 -10.63 -9.02
CA PHE B 15 -25.45 -9.40 -9.75
C PHE B 15 -26.89 -8.92 -9.54
N ARG B 16 -27.01 -7.68 -9.06
CA ARG B 16 -28.31 -7.05 -8.82
C ARG B 16 -28.30 -5.67 -9.45
N ASP B 17 -29.48 -5.19 -9.82
CA ASP B 17 -29.57 -3.87 -10.43
C ASP B 17 -29.08 -2.82 -9.44
N GLY B 18 -28.47 -1.76 -9.98
CA GLY B 18 -28.01 -0.66 -9.15
C GLY B 18 -26.88 -0.85 -8.16
N MET B 19 -26.17 -1.98 -8.21
CA MET B 19 -25.09 -2.16 -7.25
C MET B 19 -23.80 -1.50 -7.73
N THR B 20 -22.87 -1.32 -6.81
CA THR B 20 -21.57 -0.71 -7.09
C THR B 20 -20.54 -1.83 -7.15
N ILE B 21 -19.84 -1.90 -8.27
CA ILE B 21 -18.87 -2.97 -8.51
C ILE B 21 -17.47 -2.47 -8.89
N MET B 22 -16.47 -3.00 -8.21
CA MET B 22 -15.09 -2.65 -8.50
C MET B 22 -14.60 -3.76 -9.42
N VAL B 23 -13.90 -3.39 -10.49
CA VAL B 23 -13.41 -4.36 -11.46
C VAL B 23 -11.91 -4.19 -11.73
N GLY B 24 -11.15 -5.27 -11.66
CA GLY B 24 -9.73 -5.16 -11.93
C GLY B 24 -9.46 -4.99 -13.41
N GLY B 25 -8.23 -4.60 -13.74
CA GLY B 25 -7.87 -4.44 -15.14
C GLY B 25 -7.23 -3.11 -15.48
N PHE B 26 -6.26 -3.16 -16.38
CA PHE B 26 -5.56 -1.96 -16.85
C PHE B 26 -5.74 -2.00 -18.35
N MET B 27 -6.50 -1.06 -18.89
CA MET B 27 -6.72 -1.02 -20.33
C MET B 27 -7.15 -2.40 -20.86
N GLY B 28 -7.87 -3.16 -20.03
CA GLY B 28 -8.34 -4.48 -20.45
C GLY B 28 -7.47 -5.62 -19.95
N ILE B 29 -6.24 -5.28 -19.53
CA ILE B 29 -5.28 -6.27 -19.05
C ILE B 29 -5.40 -6.56 -17.57
N GLY B 30 -5.59 -7.82 -17.25
CA GLY B 30 -5.72 -8.17 -15.85
C GLY B 30 -7.16 -7.96 -15.45
N THR B 31 -8.06 -8.06 -16.41
CA THR B 31 -9.47 -7.94 -16.10
C THR B 31 -10.03 -9.36 -16.01
N PRO B 32 -10.93 -9.62 -15.04
CA PRO B 32 -11.51 -10.96 -14.93
C PRO B 32 -12.58 -11.05 -16.05
N SER B 33 -12.10 -11.35 -17.26
CA SER B 33 -12.90 -11.43 -18.48
C SER B 33 -14.22 -12.18 -18.36
N ARG B 34 -14.14 -13.41 -17.87
CA ARG B 34 -15.34 -14.21 -17.77
C ARG B 34 -16.34 -13.71 -16.74
N LEU B 35 -15.85 -13.13 -15.65
CA LEU B 35 -16.78 -12.59 -14.66
C LEU B 35 -17.49 -11.39 -15.26
N VAL B 36 -16.79 -10.62 -16.09
CA VAL B 36 -17.39 -9.46 -16.72
C VAL B 36 -18.41 -9.90 -17.76
N GLU B 37 -18.13 -11.00 -18.47
CA GLU B 37 -19.06 -11.55 -19.46
C GLU B 37 -20.32 -11.99 -18.75
N ALA B 38 -20.15 -12.65 -17.62
CA ALA B 38 -21.30 -13.12 -16.86
C ALA B 38 -22.15 -11.92 -16.46
N LEU B 39 -21.49 -10.87 -15.95
CA LEU B 39 -22.17 -9.67 -15.54
C LEU B 39 -23.02 -9.11 -16.69
N LEU B 40 -22.41 -9.04 -17.86
CA LEU B 40 -23.08 -8.54 -19.05
C LEU B 40 -24.27 -9.45 -19.43
N GLU B 41 -24.05 -10.76 -19.37
CA GLU B 41 -25.10 -11.70 -19.72
C GLU B 41 -26.26 -11.66 -18.71
N SER B 42 -25.95 -11.28 -17.47
CA SER B 42 -26.97 -11.23 -16.44
C SER B 42 -28.02 -10.16 -16.72
N GLY B 43 -27.71 -9.23 -17.64
CA GLY B 43 -28.63 -8.17 -17.99
C GLY B 43 -28.93 -7.14 -16.91
N VAL B 44 -28.19 -7.13 -15.80
CA VAL B 44 -28.45 -6.14 -14.75
C VAL B 44 -28.02 -4.75 -15.20
N ARG B 45 -28.61 -3.72 -14.59
CA ARG B 45 -28.29 -2.35 -14.98
C ARG B 45 -28.29 -1.32 -13.85
N ASP B 46 -28.13 -0.05 -14.22
CA ASP B 46 -28.07 1.06 -13.26
C ASP B 46 -26.89 0.82 -12.35
N LEU B 47 -25.85 0.22 -12.90
CA LEU B 47 -24.66 -0.08 -12.12
C LEU B 47 -23.72 1.10 -12.03
N THR B 48 -22.93 1.10 -10.96
CA THR B 48 -21.89 2.11 -10.77
C THR B 48 -20.61 1.27 -10.82
N LEU B 49 -19.76 1.52 -11.81
CA LEU B 49 -18.52 0.76 -11.90
C LEU B 49 -17.31 1.60 -11.48
N ILE B 50 -16.41 0.97 -10.74
CA ILE B 50 -15.18 1.62 -10.28
C ILE B 50 -14.01 0.80 -10.85
N ALA B 51 -13.20 1.42 -11.69
CA ALA B 51 -12.05 0.75 -12.29
C ALA B 51 -10.99 1.77 -12.65
N ASN B 52 -9.80 1.29 -12.98
CA ASN B 52 -8.74 2.21 -13.37
C ASN B 52 -9.11 3.02 -14.61
N ASP B 53 -9.83 2.37 -15.52
CA ASP B 53 -10.22 3.00 -16.76
C ASP B 53 -11.42 2.27 -17.36
N THR B 54 -11.93 2.76 -18.48
CA THR B 54 -13.07 2.12 -19.13
C THR B 54 -12.63 1.33 -20.38
N ALA B 55 -11.35 0.96 -20.42
CA ALA B 55 -10.77 0.17 -21.51
C ALA B 55 -11.20 0.64 -22.89
N PHE B 56 -11.55 -0.32 -23.75
CA PHE B 56 -12.03 -0.02 -25.11
C PHE B 56 -13.47 -0.49 -25.22
N VAL B 57 -14.18 -0.03 -26.25
CA VAL B 57 -15.57 -0.41 -26.43
C VAL B 57 -15.79 -1.92 -26.38
N ASP B 58 -14.81 -2.67 -26.88
CA ASP B 58 -14.92 -4.12 -26.92
C ASP B 58 -14.09 -4.91 -25.91
N THR B 59 -13.55 -4.25 -24.88
CA THR B 59 -12.77 -4.96 -23.86
C THR B 59 -13.01 -4.39 -22.48
N GLY B 60 -12.47 -5.06 -21.45
CA GLY B 60 -12.65 -4.61 -20.08
C GLY B 60 -14.12 -4.35 -19.82
N ILE B 61 -14.44 -3.30 -19.06
CA ILE B 61 -15.84 -3.00 -18.77
C ILE B 61 -16.53 -2.25 -19.92
N GLY B 62 -15.83 -2.08 -21.03
CA GLY B 62 -16.38 -1.36 -22.16
C GLY B 62 -17.73 -1.86 -22.65
N PRO B 63 -17.91 -3.18 -22.82
CA PRO B 63 -19.19 -3.73 -23.30
C PRO B 63 -20.36 -3.42 -22.36
N LEU B 64 -20.10 -3.43 -21.05
CA LEU B 64 -21.14 -3.11 -20.08
C LEU B 64 -21.65 -1.69 -20.30
N ILE B 65 -20.75 -0.81 -20.71
CA ILE B 65 -21.08 0.59 -20.95
C ILE B 65 -21.86 0.80 -22.26
N VAL B 66 -21.35 0.25 -23.35
CA VAL B 66 -22.01 0.38 -24.64
C VAL B 66 -23.42 -0.20 -24.61
N ASN B 67 -23.64 -1.19 -23.75
CA ASN B 67 -24.95 -1.83 -23.63
C ASN B 67 -25.84 -1.22 -22.54
N GLY B 68 -25.61 0.06 -22.23
CA GLY B 68 -26.42 0.76 -21.25
C GLY B 68 -26.65 0.12 -19.89
N ARG B 69 -25.71 -0.68 -19.40
CA ARG B 69 -25.89 -1.32 -18.11
C ARG B 69 -25.29 -0.52 -16.97
N VAL B 70 -24.63 0.58 -17.31
CA VAL B 70 -23.96 1.42 -16.31
C VAL B 70 -24.46 2.84 -16.22
N ARG B 71 -24.93 3.25 -15.05
CA ARG B 71 -25.41 4.61 -14.89
C ARG B 71 -24.28 5.56 -14.48
N LYS B 72 -23.27 5.01 -13.79
CA LYS B 72 -22.17 5.84 -13.34
C LYS B 72 -20.81 5.13 -13.38
N VAL B 73 -19.79 5.85 -13.84
CA VAL B 73 -18.44 5.31 -13.87
C VAL B 73 -17.51 6.21 -13.05
N ILE B 74 -16.67 5.60 -12.23
CA ILE B 74 -15.67 6.33 -11.43
C ILE B 74 -14.38 5.65 -11.91
N ALA B 75 -13.56 6.41 -12.63
CA ALA B 75 -12.32 5.87 -13.19
C ALA B 75 -11.27 6.99 -13.34
N SER B 76 -10.05 6.63 -13.72
CA SER B 76 -8.98 7.63 -13.86
C SER B 76 -8.66 7.96 -15.33
N HIS B 77 -9.24 7.21 -16.26
CA HIS B 77 -9.02 7.46 -17.67
C HIS B 77 -10.19 6.88 -18.47
N ILE B 78 -10.64 7.61 -19.49
CA ILE B 78 -11.77 7.18 -20.30
C ILE B 78 -11.53 7.46 -21.77
N GLY B 79 -10.36 8.01 -22.07
CA GLY B 79 -10.01 8.39 -23.43
C GLY B 79 -9.97 7.33 -24.51
N THR B 80 -9.72 6.07 -24.15
CA THR B 80 -9.66 5.02 -25.18
C THR B 80 -11.03 4.41 -25.47
N ASN B 81 -12.06 4.90 -24.78
CA ASN B 81 -13.41 4.40 -24.98
C ASN B 81 -14.32 5.59 -25.31
N PRO B 82 -14.48 5.89 -26.61
CA PRO B 82 -15.31 6.99 -27.10
C PRO B 82 -16.75 6.96 -26.59
N GLU B 83 -17.26 5.76 -26.33
CA GLU B 83 -18.64 5.60 -25.85
C GLU B 83 -18.79 6.18 -24.44
N THR B 84 -17.73 6.12 -23.63
CA THR B 84 -17.82 6.66 -22.28
C THR B 84 -18.02 8.15 -22.37
N GLY B 85 -17.22 8.79 -23.21
CA GLY B 85 -17.30 10.22 -23.40
C GLY B 85 -18.62 10.63 -24.01
N ARG B 86 -19.08 9.86 -24.99
CA ARG B 86 -20.35 10.16 -25.67
C ARG B 86 -21.49 10.18 -24.66
N ARG B 87 -21.56 9.15 -23.83
CA ARG B 87 -22.62 9.03 -22.84
C ARG B 87 -22.51 10.04 -21.71
N MET B 88 -21.31 10.57 -21.53
CA MET B 88 -21.06 11.57 -20.49
C MET B 88 -21.64 12.89 -20.98
N ILE B 89 -21.35 13.20 -22.24
CA ILE B 89 -21.82 14.42 -22.89
C ILE B 89 -23.34 14.43 -23.05
N SER B 90 -23.88 13.34 -23.58
CA SER B 90 -25.33 13.22 -23.80
C SER B 90 -26.09 13.15 -22.48
N GLY B 91 -25.38 12.93 -21.40
CA GLY B 91 -26.05 12.85 -20.11
C GLY B 91 -26.64 11.47 -19.85
N GLU B 92 -26.30 10.52 -20.72
CA GLU B 92 -26.81 9.16 -20.57
C GLU B 92 -26.11 8.41 -19.44
N MET B 93 -24.90 8.85 -19.10
CA MET B 93 -24.13 8.20 -18.04
C MET B 93 -23.32 9.24 -17.26
N ASP B 94 -23.26 9.06 -15.95
CA ASP B 94 -22.50 9.97 -15.11
C ASP B 94 -21.06 9.47 -15.11
N VAL B 95 -20.10 10.37 -15.25
CA VAL B 95 -18.70 9.97 -15.25
C VAL B 95 -17.90 10.86 -14.31
N VAL B 96 -17.20 10.23 -13.36
CA VAL B 96 -16.38 10.96 -12.41
C VAL B 96 -14.93 10.57 -12.73
N LEU B 97 -14.17 11.50 -13.32
CA LEU B 97 -12.77 11.24 -13.68
C LEU B 97 -11.94 11.64 -12.47
N VAL B 98 -11.26 10.65 -11.89
CA VAL B 98 -10.45 10.86 -10.69
C VAL B 98 -8.96 10.68 -11.02
N PRO B 99 -8.08 11.59 -10.52
CA PRO B 99 -6.65 11.42 -10.81
C PRO B 99 -6.30 9.99 -10.35
N GLN B 100 -5.47 9.29 -11.11
CA GLN B 100 -5.15 7.91 -10.73
C GLN B 100 -4.60 7.70 -9.32
N GLY B 101 -3.64 8.51 -8.90
CA GLY B 101 -3.09 8.34 -7.57
C GLY B 101 -4.15 8.53 -6.51
N THR B 102 -5.05 9.46 -6.78
CA THR B 102 -6.13 9.74 -5.84
C THR B 102 -7.10 8.56 -5.78
N LEU B 103 -7.49 8.05 -6.95
CA LEU B 103 -8.43 6.91 -7.01
C LEU B 103 -7.85 5.70 -6.25
N ILE B 104 -6.56 5.46 -6.43
CA ILE B 104 -5.91 4.36 -5.74
C ILE B 104 -5.99 4.54 -4.23
N GLU B 105 -5.67 5.73 -3.74
CA GLU B 105 -5.70 5.97 -2.31
C GLU B 105 -7.12 5.95 -1.74
N GLN B 106 -8.11 6.38 -2.54
CA GLN B 106 -9.49 6.34 -2.06
C GLN B 106 -9.88 4.88 -1.80
N ILE B 107 -9.57 4.03 -2.77
CA ILE B 107 -9.90 2.62 -2.62
C ILE B 107 -9.09 2.00 -1.49
N ARG B 108 -7.85 2.41 -1.33
CA ARG B 108 -7.04 1.86 -0.24
C ARG B 108 -7.65 2.27 1.09
N CYS B 109 -8.10 3.52 1.21
CA CYS B 109 -8.73 3.95 2.46
C CYS B 109 -10.00 3.15 2.72
N GLY B 110 -10.75 2.88 1.66
CA GLY B 110 -11.98 2.12 1.82
C GLY B 110 -11.69 0.72 2.36
N GLY B 111 -10.54 0.19 1.97
CA GLY B 111 -10.19 -1.13 2.45
C GLY B 111 -9.50 -1.11 3.80
N ALA B 112 -9.04 0.06 4.23
CA ALA B 112 -8.33 0.14 5.50
C ALA B 112 -9.14 0.73 6.65
N GLY B 113 -10.38 1.11 6.39
CA GLY B 113 -11.20 1.67 7.45
C GLY B 113 -10.82 3.10 7.86
N LEU B 114 -10.23 3.85 6.92
CA LEU B 114 -9.86 5.23 7.23
C LEU B 114 -11.00 6.12 6.73
N GLY B 115 -11.10 7.34 7.26
CA GLY B 115 -12.16 8.24 6.87
C GLY B 115 -11.93 9.17 5.69
N GLY B 116 -10.71 9.18 5.18
CA GLY B 116 -10.36 10.01 4.04
C GLY B 116 -8.91 10.44 4.18
N PHE B 117 -8.44 11.28 3.28
CA PHE B 117 -7.06 11.72 3.33
C PHE B 117 -6.86 13.07 2.66
N LEU B 118 -5.72 13.70 2.97
CA LEU B 118 -5.39 14.99 2.40
C LEU B 118 -4.35 14.76 1.31
N THR B 119 -4.59 15.34 0.14
CA THR B 119 -3.67 15.17 -0.97
C THR B 119 -3.37 16.47 -1.69
N PRO B 120 -2.17 16.58 -2.27
CA PRO B 120 -1.85 17.81 -2.99
C PRO B 120 -2.39 17.69 -4.41
N THR B 121 -2.73 16.45 -4.79
CA THR B 121 -3.19 16.21 -6.15
C THR B 121 -4.50 16.87 -6.53
N GLY B 122 -4.44 17.71 -7.54
CA GLY B 122 -5.64 18.40 -8.02
C GLY B 122 -5.91 19.76 -7.35
N VAL B 123 -5.18 20.10 -6.29
CA VAL B 123 -5.37 21.38 -5.62
C VAL B 123 -5.16 22.55 -6.62
N GLY B 124 -6.05 23.53 -6.60
CA GLY B 124 -5.92 24.67 -7.50
C GLY B 124 -6.40 24.41 -8.91
N THR B 125 -7.04 23.26 -9.14
CA THR B 125 -7.55 22.90 -10.47
C THR B 125 -9.01 22.47 -10.39
N VAL B 126 -9.57 22.14 -11.53
CA VAL B 126 -10.96 21.68 -11.60
C VAL B 126 -11.24 20.42 -10.75
N VAL B 127 -10.21 19.68 -10.38
CA VAL B 127 -10.38 18.48 -9.56
C VAL B 127 -10.91 18.84 -8.17
N GLU B 128 -10.73 20.10 -7.77
CA GLU B 128 -11.19 20.57 -6.47
C GLU B 128 -12.71 20.73 -6.43
N GLU B 129 -13.32 20.91 -7.59
CA GLU B 129 -14.76 21.16 -7.66
C GLU B 129 -15.60 20.23 -6.79
N GLY B 130 -16.36 20.83 -5.88
CA GLY B 130 -17.23 20.06 -5.00
C GLY B 130 -16.57 19.42 -3.78
N LYS B 131 -15.31 19.76 -3.52
CA LYS B 131 -14.61 19.22 -2.38
C LYS B 131 -14.07 20.33 -1.49
N GLN B 132 -13.67 19.97 -0.29
CA GLN B 132 -13.09 20.95 0.61
C GLN B 132 -11.59 20.75 0.66
N THR B 133 -10.88 21.86 0.83
CA THR B 133 -9.44 21.84 0.97
C THR B 133 -9.22 22.15 2.44
N LEU B 134 -7.98 22.02 2.89
CA LEU B 134 -7.64 22.30 4.26
C LEU B 134 -6.19 22.75 4.24
N THR B 135 -5.86 23.82 4.95
CA THR B 135 -4.49 24.30 4.95
C THR B 135 -3.76 23.91 6.21
N LEU B 136 -2.63 23.22 6.05
CA LEU B 136 -1.83 22.78 7.17
C LEU B 136 -0.36 23.04 6.89
N ASP B 137 0.32 23.64 7.86
CA ASP B 137 1.74 23.91 7.72
C ASP B 137 1.98 24.79 6.50
N GLY B 138 1.08 25.74 6.28
CA GLY B 138 1.22 26.62 5.13
C GLY B 138 0.85 26.00 3.80
N LYS B 139 0.61 24.69 3.76
CA LYS B 139 0.23 24.03 2.52
C LYS B 139 -1.26 23.74 2.46
N THR B 140 -1.86 23.88 1.26
CA THR B 140 -3.27 23.60 1.06
C THR B 140 -3.43 22.22 0.41
N TRP B 141 -4.28 21.41 1.04
CA TRP B 141 -4.52 20.04 0.61
C TRP B 141 -6.00 19.78 0.34
N LEU B 142 -6.25 18.87 -0.59
CA LEU B 142 -7.60 18.50 -0.94
C LEU B 142 -8.05 17.33 -0.05
N LEU B 143 -9.27 17.37 0.46
CA LEU B 143 -9.76 16.28 1.30
C LEU B 143 -10.55 15.30 0.45
N GLU B 144 -10.05 14.06 0.34
CA GLU B 144 -10.70 13.03 -0.48
C GLU B 144 -11.27 11.94 0.42
N ARG B 145 -12.42 11.36 0.02
CA ARG B 145 -13.07 10.36 0.84
C ARG B 145 -12.78 8.93 0.36
N PRO B 146 -12.97 7.94 1.25
CA PRO B 146 -12.72 6.53 0.89
C PRO B 146 -13.76 6.02 -0.09
N LEU B 147 -13.41 4.96 -0.82
CA LEU B 147 -14.34 4.34 -1.77
C LEU B 147 -14.43 2.85 -1.45
N ARG B 148 -15.66 2.33 -1.41
CA ARG B 148 -15.88 0.91 -1.20
C ARG B 148 -16.94 0.50 -2.22
N ALA B 149 -17.17 -0.80 -2.37
CA ALA B 149 -18.17 -1.26 -3.33
C ALA B 149 -18.88 -2.44 -2.73
N ASP B 150 -20.01 -2.82 -3.33
CA ASP B 150 -20.78 -3.97 -2.87
C ASP B 150 -20.06 -5.25 -3.29
N LEU B 151 -19.42 -5.17 -4.45
CA LEU B 151 -18.75 -6.33 -5.03
C LEU B 151 -17.45 -5.99 -5.78
N ALA B 152 -16.50 -6.91 -5.77
CA ALA B 152 -15.27 -6.73 -6.51
C ALA B 152 -15.07 -7.98 -7.39
N LEU B 153 -14.78 -7.76 -8.68
CA LEU B 153 -14.51 -8.82 -9.62
C LEU B 153 -12.99 -8.77 -9.81
N ILE B 154 -12.32 -9.83 -9.38
CA ILE B 154 -10.85 -9.90 -9.38
C ILE B 154 -10.23 -10.97 -10.27
N ARG B 155 -9.18 -10.61 -10.98
CA ARG B 155 -8.45 -11.59 -11.78
C ARG B 155 -7.17 -11.80 -11.00
N ALA B 156 -6.81 -13.06 -10.80
CA ALA B 156 -5.58 -13.43 -10.10
C ALA B 156 -4.82 -14.43 -10.96
N HIS B 157 -3.52 -14.55 -10.73
CA HIS B 157 -2.69 -15.50 -11.47
C HIS B 157 -2.87 -16.87 -10.81
N ARG B 158 -2.39 -17.00 -9.57
CA ARG B 158 -2.55 -18.25 -8.84
C ARG B 158 -3.42 -18.02 -7.60
N CYS B 159 -4.23 -19.02 -7.28
CA CYS B 159 -5.14 -18.94 -6.15
C CYS B 159 -5.24 -20.31 -5.49
N ASP B 160 -5.16 -20.39 -4.16
CA ASP B 160 -5.30 -21.71 -3.56
C ASP B 160 -6.75 -21.87 -3.15
N THR B 161 -7.10 -23.04 -2.63
CA THR B 161 -8.50 -23.29 -2.28
C THR B 161 -9.07 -22.43 -1.17
N LEU B 162 -8.21 -21.74 -0.42
CA LEU B 162 -8.65 -20.87 0.64
C LEU B 162 -8.80 -19.42 0.16
N GLY B 163 -8.36 -19.16 -1.07
CA GLY B 163 -8.47 -17.81 -1.58
C GLY B 163 -7.20 -16.97 -1.50
N ASN B 164 -6.08 -17.56 -1.11
CA ASN B 164 -4.81 -16.83 -1.08
C ASN B 164 -4.45 -16.58 -2.55
N LEU B 165 -4.03 -15.36 -2.89
CA LEU B 165 -3.74 -15.01 -4.29
C LEU B 165 -2.36 -14.42 -4.61
N THR B 166 -1.87 -14.69 -5.82
CA THR B 166 -0.62 -14.11 -6.33
C THR B 166 -1.01 -13.53 -7.67
N TYR B 167 -0.17 -12.65 -8.21
CA TYR B 167 -0.49 -12.01 -9.47
C TYR B 167 0.72 -11.94 -10.36
N GLN B 168 0.48 -11.74 -11.66
CA GLN B 168 1.55 -11.55 -12.63
C GLN B 168 1.63 -10.02 -12.62
N LEU B 169 2.85 -9.50 -12.61
CA LEU B 169 3.06 -8.06 -12.61
C LEU B 169 2.27 -7.35 -13.70
N SER B 170 2.31 -7.87 -14.92
CA SER B 170 1.63 -7.21 -16.04
C SER B 170 0.11 -7.18 -15.99
N ALA B 171 -0.49 -7.95 -15.09
CA ALA B 171 -1.94 -8.02 -14.97
C ALA B 171 -2.44 -7.68 -13.56
N ARG B 172 -1.52 -7.28 -12.69
CA ARG B 172 -1.87 -7.01 -11.30
C ARG B 172 -2.76 -5.79 -11.07
N ASN B 173 -2.24 -4.64 -11.47
CA ASN B 173 -2.93 -3.35 -11.31
C ASN B 173 -3.85 -3.21 -10.09
N PHE B 174 -5.14 -2.93 -10.31
CA PHE B 174 -6.10 -2.72 -9.23
C PHE B 174 -6.62 -3.96 -8.49
N ASN B 175 -6.35 -5.13 -9.04
CA ASN B 175 -6.86 -6.35 -8.43
C ASN B 175 -6.63 -6.51 -6.93
N PRO B 176 -5.38 -6.43 -6.45
CA PRO B 176 -5.22 -6.57 -4.99
C PRO B 176 -5.84 -5.43 -4.18
N LEU B 177 -5.87 -4.24 -4.78
CA LEU B 177 -6.44 -3.06 -4.14
C LEU B 177 -7.96 -3.22 -3.90
N ILE B 178 -8.71 -3.54 -4.94
CA ILE B 178 -10.17 -3.69 -4.80
C ILE B 178 -10.57 -4.90 -3.94
N ALA B 179 -9.71 -5.90 -3.86
CA ALA B 179 -10.02 -7.07 -3.06
C ALA B 179 -10.28 -6.70 -1.60
N LEU B 180 -9.70 -5.60 -1.13
CA LEU B 180 -9.86 -5.21 0.28
C LEU B 180 -10.98 -4.19 0.54
N ALA B 181 -11.51 -3.61 -0.53
CA ALA B 181 -12.52 -2.55 -0.43
C ALA B 181 -13.95 -2.89 -0.80
N ALA B 182 -14.27 -4.18 -0.90
CA ALA B 182 -15.63 -4.56 -1.29
C ALA B 182 -16.25 -5.51 -0.29
N ASP B 183 -17.57 -5.48 -0.17
CA ASP B 183 -18.26 -6.33 0.78
C ASP B 183 -18.17 -7.80 0.39
N ILE B 184 -18.26 -8.08 -0.90
CA ILE B 184 -18.15 -9.45 -1.40
C ILE B 184 -17.11 -9.47 -2.52
N THR B 185 -16.24 -10.48 -2.50
CA THR B 185 -15.20 -10.59 -3.52
C THR B 185 -15.28 -11.89 -4.33
N LEU B 186 -15.23 -11.75 -5.65
CA LEU B 186 -15.25 -12.93 -6.53
C LEU B 186 -13.94 -12.96 -7.30
N VAL B 187 -13.29 -14.12 -7.33
CA VAL B 187 -12.02 -14.25 -8.04
C VAL B 187 -12.08 -15.23 -9.23
N GLU B 188 -11.44 -14.83 -10.32
CA GLU B 188 -11.33 -15.60 -11.55
C GLU B 188 -9.82 -15.83 -11.66
N PRO B 189 -9.35 -17.01 -11.19
CA PRO B 189 -7.92 -17.33 -11.23
C PRO B 189 -7.40 -18.03 -12.48
N ASP B 190 -6.17 -17.72 -12.91
CA ASP B 190 -5.62 -18.38 -14.09
C ASP B 190 -5.37 -19.84 -13.73
N GLU B 191 -4.95 -20.06 -12.49
CA GLU B 191 -4.66 -21.40 -11.99
C GLU B 191 -5.11 -21.53 -10.55
N LEU B 192 -5.95 -22.53 -10.29
CA LEU B 192 -6.45 -22.80 -8.96
C LEU B 192 -5.64 -24.00 -8.44
N VAL B 193 -5.00 -23.86 -7.28
CA VAL B 193 -4.20 -24.97 -6.73
C VAL B 193 -4.57 -25.33 -5.30
N GLU B 194 -4.05 -26.44 -4.80
CA GLU B 194 -4.34 -26.84 -3.42
C GLU B 194 -3.67 -25.89 -2.43
N THR B 195 -4.27 -25.72 -1.26
CA THR B 195 -3.67 -24.88 -0.22
C THR B 195 -2.34 -25.54 0.12
N GLY B 196 -1.31 -24.73 0.33
CA GLY B 196 -0.01 -25.27 0.65
C GLY B 196 0.89 -25.20 -0.55
N GLU B 197 0.31 -25.04 -1.74
CA GLU B 197 1.08 -24.97 -2.97
C GLU B 197 1.73 -23.63 -3.22
N LEU B 198 1.15 -22.57 -2.67
CA LEU B 198 1.69 -21.23 -2.86
C LEU B 198 2.74 -20.91 -1.80
N GLN B 199 3.85 -20.31 -2.22
CA GLN B 199 4.90 -19.91 -1.29
C GLN B 199 4.38 -18.75 -0.47
N PRO B 200 4.28 -18.91 0.86
CA PRO B 200 3.77 -17.85 1.75
C PRO B 200 4.38 -16.46 1.55
N ASP B 201 5.66 -16.39 1.22
CA ASP B 201 6.34 -15.11 0.98
C ASP B 201 5.80 -14.40 -0.27
N HIS B 202 5.14 -15.16 -1.12
CA HIS B 202 4.61 -14.64 -2.37
C HIS B 202 3.12 -14.32 -2.40
N ILE B 203 2.41 -14.65 -1.33
CA ILE B 203 0.99 -14.35 -1.29
C ILE B 203 0.78 -12.84 -1.15
N VAL B 204 -0.01 -12.27 -2.05
CA VAL B 204 -0.27 -10.83 -2.03
C VAL B 204 -1.62 -10.51 -1.40
N THR B 205 -2.63 -11.32 -1.69
CA THR B 205 -3.96 -11.10 -1.13
C THR B 205 -4.29 -12.31 -0.26
N PRO B 206 -4.56 -12.06 1.04
CA PRO B 206 -4.90 -13.14 1.99
C PRO B 206 -6.27 -13.73 1.71
N GLY B 207 -6.38 -15.06 1.79
CA GLY B 207 -7.66 -15.71 1.53
C GLY B 207 -8.82 -15.18 2.35
N ALA B 208 -8.53 -14.64 3.53
CA ALA B 208 -9.57 -14.12 4.41
C ALA B 208 -10.49 -13.08 3.78
N VAL B 209 -9.99 -12.30 2.82
CA VAL B 209 -10.83 -11.30 2.20
C VAL B 209 -11.51 -11.79 0.92
N ILE B 210 -11.23 -13.05 0.55
CA ILE B 210 -11.80 -13.64 -0.67
C ILE B 210 -13.00 -14.53 -0.32
N ASP B 211 -14.14 -14.28 -0.94
CA ASP B 211 -15.36 -15.01 -0.65
C ASP B 211 -15.68 -16.18 -1.59
N HIS B 212 -15.47 -15.98 -2.88
CA HIS B 212 -15.78 -17.01 -3.85
C HIS B 212 -14.75 -17.10 -4.97
N ILE B 213 -14.49 -18.34 -5.38
CA ILE B 213 -13.49 -18.63 -6.41
C ILE B 213 -14.09 -19.40 -7.61
N ILE B 214 -13.90 -18.90 -8.82
CA ILE B 214 -14.39 -19.60 -10.01
C ILE B 214 -13.47 -20.83 -10.20
N VAL B 215 -14.06 -22.02 -10.30
CA VAL B 215 -13.27 -23.25 -10.46
C VAL B 215 -12.98 -23.70 -11.89
N SER B 216 -13.81 -23.28 -12.82
CA SER B 216 -13.64 -23.66 -14.23
C SER B 216 -12.48 -22.92 -14.88
N GLN B 217 -11.93 -23.53 -15.91
CA GLN B 217 -10.80 -22.97 -16.64
C GLN B 217 -11.20 -22.51 -18.04
N GLU B 218 -10.32 -21.72 -18.63
CA GLU B 218 -10.44 -21.15 -19.97
C GLU B 218 -11.62 -20.22 -20.17
N SER B 219 -11.70 -19.64 -21.36
CA SER B 219 -12.78 -18.71 -21.70
C SER B 219 -14.14 -19.42 -21.78
MG MG C . 5.02 -10.49 -3.51
MG MG D . 14.05 8.41 -4.00
MG MG E . -8.88 4.93 -21.16
MG MG F . -14.84 -9.73 3.51
#